data_6D1X
#
_entry.id   6D1X
#
_cell.length_a   89.467
_cell.length_b   99.654
_cell.length_c   63.191
_cell.angle_alpha   90.000
_cell.angle_beta   90.000
_cell.angle_gamma   90.000
#
_symmetry.space_group_name_H-M   'C 2 2 21'
#
loop_
_entity.id
_entity.type
_entity.pdbx_description
1 polymer Endoplasmin
2 non-polymer 'N-PROPYL CARBOXYAMIDO ADENOSINE'
3 non-polymer 'TETRAETHYLENE GLYCOL'
4 water water
#
_entity_poly.entity_id   1
_entity_poly.type   'polypeptide(L)'
_entity_poly.pdbx_seq_one_letter_code
;GSHMLREKSEKFAFQAEVNRMMKLIINSLYKNKEIFLRELISNASDALDKIRLISLTDENALAGNEELTVKIKCDKEKNL
LHVTDTGVGMTREELVKNLGTIAKSGTSEFLNKMTEAQEDGQSTSELIGQFGVGFYSAFLVADKVIVTSKHNNDTQHIWE
SDSNEFSVIADPRGNTLGRGTTITLVLKEEASDYLELDTIKNLVKKYSQFINFPIYVWSSKTETVEEPMEEEEAAKEEKE
DSDDEAAVEEEEEEKKPKTKKVEKTVWDWELMN
;
_entity_poly.pdbx_strand_id   A
#
loop_
_chem_comp.id
_chem_comp.type
_chem_comp.name
_chem_comp.formula
PA7 non-polymer 'N-PROPYL CARBOXYAMIDO ADENOSINE' 'C13 H18 N6 O4'
PG4 non-polymer 'TETRAETHYLENE GLYCOL' 'C8 H18 O5'
#
# COMPACT_ATOMS: atom_id res chain seq x y z
N SER A 9 -13.50 -6.77 -16.63
CA SER A 9 -13.70 -6.85 -15.19
C SER A 9 -13.96 -8.28 -14.77
N GLU A 10 -13.10 -8.81 -13.91
CA GLU A 10 -13.22 -10.18 -13.46
C GLU A 10 -13.33 -10.20 -11.94
N LYS A 11 -14.24 -11.03 -11.43
CA LYS A 11 -14.53 -11.14 -10.01
C LYS A 11 -13.82 -12.36 -9.43
N PHE A 12 -13.39 -12.22 -8.17
CA PHE A 12 -12.58 -13.22 -7.49
C PHE A 12 -12.98 -13.29 -6.02
N ALA A 13 -12.91 -14.49 -5.46
CA ALA A 13 -12.90 -14.67 -4.01
C ALA A 13 -11.46 -14.79 -3.51
N PHE A 14 -11.24 -14.29 -2.29
CA PHE A 14 -9.97 -14.52 -1.63
C PHE A 14 -9.80 -16.01 -1.29
N GLN A 15 -8.56 -16.47 -1.35
CA GLN A 15 -8.21 -17.77 -0.80
C GLN A 15 -8.55 -17.81 0.70
N ALA A 16 -8.93 -19.00 1.17
CA ALA A 16 -9.36 -19.13 2.56
C ALA A 16 -8.32 -18.57 3.53
N GLU A 17 -7.06 -19.00 3.36
CA GLU A 17 -5.98 -18.56 4.25
C GLU A 17 -5.82 -17.04 4.25
N VAL A 18 -6.10 -16.38 3.13
CA VAL A 18 -5.99 -14.92 3.14
C VAL A 18 -7.11 -14.29 3.95
N ASN A 19 -8.32 -14.87 3.89
CA ASN A 19 -9.38 -14.44 4.80
C ASN A 19 -8.94 -14.57 6.25
N ARG A 20 -8.34 -15.71 6.62
CA ARG A 20 -7.87 -15.88 7.99
C ARG A 20 -6.78 -14.86 8.31
N MET A 21 -5.80 -14.73 7.42
CA MET A 21 -4.71 -13.78 7.63
C MET A 21 -5.25 -12.36 7.80
N MET A 22 -6.22 -11.98 6.99
CA MET A 22 -6.81 -10.66 7.15
C MET A 22 -7.33 -10.47 8.57
N LYS A 23 -8.04 -11.46 9.09
CA LYS A 23 -8.63 -11.36 10.43
C LYS A 23 -7.55 -11.34 11.52
N LEU A 24 -6.53 -12.18 11.41
CA LEU A 24 -5.44 -12.14 12.38
C LEU A 24 -4.81 -10.74 12.43
N ILE A 25 -4.50 -10.20 11.26
CA ILE A 25 -3.84 -8.89 11.19
C ILE A 25 -4.73 -7.81 11.74
N ILE A 26 -6.00 -7.79 11.33
CA ILE A 26 -6.91 -6.78 11.83
C ILE A 26 -7.00 -6.89 13.36
N ASN A 27 -7.14 -8.12 13.86
CA ASN A 27 -7.23 -8.31 15.30
C ASN A 27 -5.94 -7.91 16.01
N SER A 28 -4.78 -8.27 15.44
CA SER A 28 -3.52 -7.94 16.09
C SER A 28 -3.36 -6.44 16.24
N LEU A 29 -3.74 -5.67 15.21
CA LEU A 29 -3.45 -4.24 15.16
C LEU A 29 -4.67 -3.38 15.49
N TYR A 30 -5.70 -3.97 16.09
CA TYR A 30 -6.96 -3.25 16.27
C TYR A 30 -6.81 -1.98 17.10
N LYS A 31 -5.92 -1.97 18.08
CA LYS A 31 -5.74 -0.80 18.93
C LYS A 31 -4.54 0.04 18.50
N ASN A 32 -4.00 -0.23 17.32
CA ASN A 32 -2.86 0.49 16.75
C ASN A 32 -3.09 0.66 15.26
N LYS A 33 -4.26 1.18 14.90
CA LYS A 33 -4.65 1.20 13.50
C LYS A 33 -3.62 1.92 12.64
N GLU A 34 -3.00 2.96 13.19
CA GLU A 34 -2.13 3.80 12.37
C GLU A 34 -0.99 3.01 11.75
N ILE A 35 -0.68 1.84 12.28
CA ILE A 35 0.38 1.03 11.69
C ILE A 35 0.08 0.67 10.24
N PHE A 36 -1.18 0.84 9.78
CA PHE A 36 -1.49 0.61 8.37
C PHE A 36 -0.63 1.50 7.48
N LEU A 37 -0.44 2.76 7.87
CA LEU A 37 0.35 3.67 7.05
C LEU A 37 1.82 3.29 7.05
N ARG A 38 2.33 2.78 8.18
CA ARG A 38 3.69 2.24 8.21
C ARG A 38 3.89 1.15 7.17
N GLU A 39 2.95 0.20 7.09
CA GLU A 39 3.11 -0.93 6.19
C GLU A 39 2.96 -0.53 4.74
N LEU A 40 1.99 0.35 4.43
CA LEU A 40 1.87 0.81 3.05
C LEU A 40 3.16 1.46 2.59
N ILE A 41 3.81 2.22 3.48
CA ILE A 41 5.06 2.88 3.14
C ILE A 41 6.17 1.86 2.96
N SER A 42 6.21 0.84 3.82
CA SER A 42 7.22 -0.21 3.65
C SER A 42 7.05 -0.92 2.32
N ASN A 43 5.80 -1.28 1.97
CA ASN A 43 5.58 -1.94 0.70
C ASN A 43 6.04 -1.07 -0.47
N ALA A 44 5.72 0.22 -0.41
CA ALA A 44 6.16 1.12 -1.47
C ALA A 44 7.69 1.13 -1.54
N SER A 45 8.34 1.18 -0.38
CA SER A 45 9.79 1.13 -0.29
C SER A 45 10.36 -0.13 -0.93
N ASP A 46 9.79 -1.30 -0.60
CA ASP A 46 10.26 -2.53 -1.23
C ASP A 46 10.08 -2.47 -2.74
N ALA A 47 8.99 -1.86 -3.20
CA ALA A 47 8.72 -1.80 -4.63
C ALA A 47 9.73 -0.90 -5.33
N LEU A 48 10.11 0.21 -4.69
CA LEU A 48 11.15 1.07 -5.24
C LEU A 48 12.54 0.40 -5.21
N ASP A 49 12.86 -0.33 -4.14
CA ASP A 49 14.08 -1.13 -4.15
C ASP A 49 14.08 -2.07 -5.35
N LYS A 50 12.95 -2.76 -5.58
CA LYS A 50 12.93 -3.78 -6.62
C LYS A 50 13.23 -3.17 -7.99
N ILE A 51 12.60 -2.03 -8.31
CA ILE A 51 12.87 -1.41 -9.60
C ILE A 51 14.28 -0.84 -9.64
N ARG A 52 14.77 -0.30 -8.52
CA ARG A 52 16.16 0.17 -8.45
C ARG A 52 17.15 -0.98 -8.69
N LEU A 53 16.88 -2.16 -8.12
CA LEU A 53 17.73 -3.32 -8.40
C LEU A 53 17.59 -3.77 -9.84
N ILE A 54 16.38 -3.67 -10.41
CA ILE A 54 16.21 -4.07 -11.80
C ILE A 54 17.01 -3.14 -12.72
N SER A 55 17.09 -1.86 -12.39
CA SER A 55 17.80 -0.91 -13.25
C SER A 55 19.29 -1.18 -13.28
N LEU A 56 19.80 -2.06 -12.40
CA LEU A 56 21.20 -2.48 -12.47
C LEU A 56 21.43 -3.46 -13.61
N THR A 57 20.39 -4.21 -13.99
CA THR A 57 20.50 -5.24 -15.01
C THR A 57 19.75 -4.90 -16.30
N ASP A 58 19.09 -3.75 -16.37
CA ASP A 58 18.20 -3.47 -17.49
C ASP A 58 18.22 -1.98 -17.72
N GLU A 59 18.77 -1.57 -18.87
CA GLU A 59 18.97 -0.14 -19.14
C GLU A 59 17.65 0.59 -19.30
N ASN A 60 16.59 -0.10 -19.69
CA ASN A 60 15.28 0.53 -19.89
C ASN A 60 14.42 0.59 -18.61
N ALA A 61 14.89 0.05 -17.48
CA ALA A 61 14.00 -0.19 -16.34
C ALA A 61 13.15 1.02 -15.98
N LEU A 62 13.73 2.22 -16.02
CA LEU A 62 13.06 3.42 -15.56
C LEU A 62 12.39 4.21 -16.70
N ALA A 63 12.47 3.73 -17.93
CA ALA A 63 11.94 4.45 -19.09
C ALA A 63 10.50 4.90 -18.89
N GLY A 64 9.69 4.12 -18.15
CA GLY A 64 8.27 4.42 -18.02
C GLY A 64 7.98 5.58 -17.10
N ASN A 65 8.94 5.95 -16.26
CA ASN A 65 8.75 7.00 -15.28
C ASN A 65 10.08 7.18 -14.59
N GLU A 66 10.74 8.31 -14.80
CA GLU A 66 12.13 8.46 -14.37
C GLU A 66 12.28 8.73 -12.89
N GLU A 67 11.20 8.92 -12.14
CA GLU A 67 11.28 9.23 -10.72
C GLU A 67 11.23 7.97 -9.87
N LEU A 68 11.74 8.08 -8.64
CA LEU A 68 11.65 7.06 -7.60
C LEU A 68 11.17 7.72 -6.31
N THR A 69 9.86 7.80 -6.11
CA THR A 69 9.30 8.53 -4.99
C THR A 69 8.14 7.77 -4.37
N VAL A 70 7.81 8.13 -3.13
CA VAL A 70 6.52 7.87 -2.52
C VAL A 70 5.82 9.21 -2.33
N LYS A 71 4.59 9.33 -2.85
CA LYS A 71 3.81 10.56 -2.80
C LYS A 71 2.44 10.28 -2.19
N ILE A 72 2.14 10.96 -1.10
CA ILE A 72 0.91 10.75 -0.35
C ILE A 72 0.04 11.98 -0.48
N LYS A 73 -1.28 11.74 -0.53
CA LYS A 73 -2.24 12.78 -0.83
C LYS A 73 -3.52 12.50 -0.07
N CYS A 74 -3.99 13.48 0.72
CA CYS A 74 -5.30 13.42 1.35
C CYS A 74 -6.32 14.10 0.46
N ASP A 75 -7.51 13.55 0.40
CA ASP A 75 -8.59 14.13 -0.38
C ASP A 75 -9.80 14.17 0.53
N LYS A 76 -9.85 15.18 1.38
CA LYS A 76 -10.93 15.30 2.36
C LYS A 76 -12.28 15.24 1.69
N GLU A 77 -12.43 15.93 0.55
CA GLU A 77 -13.76 16.07 -0.05
C GLU A 77 -14.28 14.74 -0.55
N LYS A 78 -13.44 13.92 -1.16
CA LYS A 78 -13.86 12.61 -1.62
C LYS A 78 -13.60 11.51 -0.59
N ASN A 79 -13.07 11.85 0.58
CA ASN A 79 -12.84 10.89 1.65
C ASN A 79 -11.83 9.81 1.22
N LEU A 80 -10.83 10.18 0.43
CA LEU A 80 -9.83 9.25 -0.07
C LEU A 80 -8.46 9.60 0.50
N LEU A 81 -7.67 8.55 0.76
CA LEU A 81 -6.24 8.66 1.02
C LEU A 81 -5.49 7.88 -0.04
N HIS A 82 -4.50 8.51 -0.67
CA HIS A 82 -3.73 7.91 -1.75
C HIS A 82 -2.27 7.80 -1.35
N VAL A 83 -1.68 6.62 -1.56
CA VAL A 83 -0.26 6.39 -1.34
C VAL A 83 0.32 5.88 -2.65
N THR A 84 1.16 6.71 -3.29
CA THR A 84 1.65 6.45 -4.63
C THR A 84 3.16 6.30 -4.62
N ASP A 85 3.64 5.20 -5.19
CA ASP A 85 5.05 4.98 -5.39
C ASP A 85 5.31 4.80 -6.87
N THR A 86 6.55 5.09 -7.28
CA THR A 86 7.00 4.83 -8.65
C THR A 86 7.89 3.59 -8.70
N GLY A 87 7.53 2.56 -7.92
CA GLY A 87 8.30 1.33 -7.85
C GLY A 87 8.02 0.42 -9.03
N VAL A 88 8.27 -0.86 -8.82
CA VAL A 88 8.18 -1.81 -9.91
C VAL A 88 6.75 -2.03 -10.40
N GLY A 89 5.75 -1.80 -9.57
CA GLY A 89 4.40 -2.02 -10.03
C GLY A 89 4.08 -3.50 -10.06
N MET A 90 2.88 -3.80 -10.54
CA MET A 90 2.35 -5.16 -10.55
C MET A 90 1.60 -5.41 -11.84
N THR A 91 1.84 -6.58 -12.44
CA THR A 91 1.05 -7.00 -13.59
C THR A 91 -0.34 -7.42 -13.14
N ARG A 92 -1.25 -7.57 -14.11
CA ARG A 92 -2.58 -8.03 -13.78
C ARG A 92 -2.53 -9.34 -12.99
N GLU A 93 -1.68 -10.28 -13.42
CA GLU A 93 -1.63 -11.57 -12.74
C GLU A 93 -1.05 -11.44 -11.33
N GLU A 94 -0.16 -10.47 -11.13
CA GLU A 94 0.38 -10.25 -9.79
C GLU A 94 -0.64 -9.58 -8.87
N LEU A 95 -1.48 -8.70 -9.41
CA LEU A 95 -2.57 -8.16 -8.62
C LEU A 95 -3.45 -9.28 -8.10
N VAL A 96 -3.84 -10.20 -8.98
CA VAL A 96 -4.65 -11.33 -8.57
C VAL A 96 -3.90 -12.22 -7.58
N LYS A 97 -2.71 -12.69 -7.96
CA LYS A 97 -2.06 -13.72 -7.16
C LYS A 97 -1.46 -13.17 -5.87
N ASN A 98 -0.78 -12.02 -5.93
CA ASN A 98 -0.02 -11.54 -4.78
C ASN A 98 -0.93 -11.02 -3.69
N LEU A 99 -2.06 -10.42 -4.06
CA LEU A 99 -2.99 -9.92 -3.06
C LEU A 99 -4.09 -10.91 -2.73
N GLY A 100 -4.45 -11.80 -3.66
CA GLY A 100 -5.62 -12.61 -3.48
C GLY A 100 -5.37 -14.01 -2.96
N THR A 101 -4.11 -14.45 -2.98
CA THR A 101 -3.68 -15.80 -2.59
C THR A 101 -2.43 -15.73 -1.73
N ILE A 102 -2.09 -16.88 -1.13
CA ILE A 102 -0.83 -17.14 -0.47
C ILE A 102 0.20 -17.42 -1.56
N ALA A 103 0.92 -16.39 -1.98
CA ALA A 103 1.76 -16.46 -3.17
C ALA A 103 3.21 -16.81 -2.88
N LYS A 104 3.77 -16.35 -1.78
CA LYS A 104 5.14 -16.65 -1.41
C LYS A 104 5.18 -17.76 -0.36
N SER A 105 6.39 -18.31 -0.18
CA SER A 105 6.61 -19.28 0.88
C SER A 105 6.68 -18.62 2.25
N GLY A 106 7.17 -17.37 2.31
CA GLY A 106 7.25 -16.69 3.59
C GLY A 106 5.89 -16.41 4.19
N THR A 107 4.85 -16.26 3.36
CA THR A 107 3.53 -15.91 3.88
C THR A 107 2.97 -17.04 4.74
N SER A 108 3.12 -18.29 4.29
CA SER A 108 2.71 -19.43 5.11
C SER A 108 3.40 -19.42 6.47
N GLU A 109 4.74 -19.41 6.47
CA GLU A 109 5.52 -19.19 7.68
C GLU A 109 4.86 -18.14 8.57
N PHE A 110 4.60 -16.95 8.01
CA PHE A 110 3.98 -15.90 8.82
C PHE A 110 2.70 -16.39 9.50
N LEU A 111 1.89 -17.18 8.79
CA LEU A 111 0.65 -17.65 9.41
C LEU A 111 0.95 -18.49 10.66
N ASN A 112 1.98 -19.32 10.60
CA ASN A 112 2.32 -20.17 11.74
C ASN A 112 2.91 -19.34 12.87
N LYS A 113 3.94 -18.54 12.57
CA LYS A 113 4.54 -17.73 13.63
C LYS A 113 3.54 -16.78 14.25
N MET A 114 2.56 -16.32 13.46
CA MET A 114 1.58 -15.38 14.01
C MET A 114 0.68 -16.06 15.02
N THR A 115 0.22 -17.28 14.72
CA THR A 115 -0.67 -17.98 15.62
C THR A 115 0.07 -18.50 16.86
N GLU A 116 1.32 -18.93 16.68
CA GLU A 116 2.12 -19.35 17.84
C GLU A 116 2.43 -18.16 18.75
N ALA A 117 2.87 -17.04 18.18
CA ALA A 117 3.11 -15.84 18.98
C ALA A 117 1.82 -15.35 19.63
N GLN A 118 0.70 -15.43 18.90
CA GLN A 118 -0.55 -14.84 19.38
C GLN A 118 -1.16 -15.66 20.50
N GLU A 119 -0.91 -16.97 20.51
CA GLU A 119 -1.35 -17.79 21.64
C GLU A 119 -0.44 -17.54 22.84
N ASP A 120 0.85 -17.32 22.61
CA ASP A 120 1.86 -17.19 23.65
C ASP A 120 2.04 -15.76 24.17
N GLY A 121 1.16 -14.83 23.82
CA GLY A 121 1.31 -13.48 24.32
C GLY A 121 2.52 -12.72 23.83
N GLN A 122 3.23 -13.22 22.81
CA GLN A 122 4.40 -12.52 22.31
C GLN A 122 4.03 -11.50 21.24
N SER A 123 4.85 -10.46 21.10
CA SER A 123 4.50 -9.35 20.23
C SER A 123 4.38 -9.80 18.78
N THR A 124 3.43 -9.20 18.06
CA THR A 124 3.06 -9.61 16.70
C THR A 124 3.19 -8.51 15.66
N SER A 125 3.15 -7.25 16.07
CA SER A 125 3.34 -6.16 15.13
C SER A 125 4.65 -6.32 14.36
N GLU A 126 5.71 -6.80 15.04
CA GLU A 126 6.97 -7.04 14.34
C GLU A 126 6.80 -8.14 13.29
N LEU A 127 6.02 -9.17 13.60
CA LEU A 127 5.83 -10.25 12.64
C LEU A 127 5.25 -9.71 11.35
N ILE A 128 4.18 -8.92 11.46
CA ILE A 128 3.53 -8.34 10.29
C ILE A 128 4.55 -7.58 9.44
N GLY A 129 5.35 -6.72 10.08
CA GLY A 129 6.38 -6.01 9.34
C GLY A 129 7.45 -6.92 8.75
N GLN A 130 7.92 -7.92 9.53
CA GLN A 130 8.98 -8.80 9.06
C GLN A 130 8.59 -9.49 7.76
N PHE A 131 7.39 -10.06 7.72
CA PHE A 131 6.96 -10.85 6.57
C PHE A 131 6.22 -10.03 5.53
N GLY A 132 6.10 -8.72 5.73
CA GLY A 132 5.53 -7.84 4.73
C GLY A 132 4.11 -8.15 4.34
N VAL A 133 3.26 -8.50 5.31
CA VAL A 133 1.84 -8.80 5.07
C VAL A 133 0.93 -7.67 5.51
N GLY A 134 1.48 -6.48 5.77
CA GLY A 134 0.71 -5.41 6.36
C GLY A 134 -0.31 -4.77 5.44
N PHE A 135 -0.15 -4.91 4.11
CA PHE A 135 -1.17 -4.42 3.19
C PHE A 135 -2.59 -4.64 3.71
N TYR A 136 -2.88 -5.82 4.27
CA TYR A 136 -4.25 -6.11 4.67
C TYR A 136 -4.72 -5.25 5.84
N SER A 137 -3.79 -4.65 6.59
CA SER A 137 -4.21 -3.81 7.69
C SER A 137 -4.87 -2.51 7.23
N ALA A 138 -4.81 -2.21 5.91
CA ALA A 138 -5.55 -1.06 5.40
C ALA A 138 -7.04 -1.18 5.69
N PHE A 139 -7.54 -2.41 5.87
CA PHE A 139 -8.95 -2.60 6.19
C PHE A 139 -9.33 -2.16 7.60
N LEU A 140 -8.35 -1.86 8.48
CA LEU A 140 -8.71 -1.28 9.79
C LEU A 140 -9.25 0.14 9.66
N VAL A 141 -8.94 0.84 8.57
CA VAL A 141 -9.33 2.23 8.39
C VAL A 141 -10.15 2.46 7.13
N ALA A 142 -10.26 1.49 6.24
CA ALA A 142 -10.91 1.70 4.96
C ALA A 142 -12.02 0.68 4.76
N ASP A 143 -13.15 1.16 4.25
CA ASP A 143 -14.19 0.25 3.77
C ASP A 143 -13.89 -0.31 2.38
N LYS A 144 -13.06 0.37 1.60
CA LYS A 144 -12.73 -0.04 0.24
C LYS A 144 -11.25 0.22 0.00
N VAL A 145 -10.53 -0.77 -0.51
CA VAL A 145 -9.12 -0.61 -0.85
C VAL A 145 -8.98 -0.81 -2.35
N ILE A 146 -8.35 0.15 -3.01
CA ILE A 146 -8.20 0.18 -4.46
C ILE A 146 -6.71 0.25 -4.80
N VAL A 147 -6.25 -0.60 -5.73
CA VAL A 147 -4.83 -0.65 -6.08
C VAL A 147 -4.72 -0.42 -7.59
N THR A 148 -4.18 0.71 -7.98
CA THR A 148 -3.89 0.97 -9.38
C THR A 148 -2.40 0.76 -9.57
N SER A 149 -2.04 -0.10 -10.52
CA SER A 149 -0.65 -0.48 -10.70
C SER A 149 -0.30 -0.55 -12.18
N LYS A 150 0.91 -0.10 -12.50
CA LYS A 150 1.47 -0.16 -13.84
C LYS A 150 2.86 -0.76 -13.74
N HIS A 151 3.03 -1.93 -14.33
CA HIS A 151 4.29 -2.66 -14.35
C HIS A 151 4.84 -2.64 -15.76
N ASN A 152 6.18 -2.54 -15.90
CA ASN A 152 6.78 -2.47 -17.23
C ASN A 152 6.27 -3.55 -18.17
N ASN A 153 5.85 -4.71 -17.64
CA ASN A 153 5.50 -5.84 -18.49
C ASN A 153 4.00 -5.99 -18.71
N ASP A 154 3.18 -5.01 -18.30
CA ASP A 154 1.74 -5.11 -18.51
C ASP A 154 1.16 -3.71 -18.68
N THR A 155 -0.11 -3.66 -19.04
CA THR A 155 -0.89 -2.43 -19.02
C THR A 155 -1.35 -2.13 -17.60
N GLN A 156 -1.79 -0.89 -17.39
CA GLN A 156 -2.28 -0.46 -16.09
C GLN A 156 -3.59 -1.16 -15.73
N HIS A 157 -3.73 -1.58 -14.49
CA HIS A 157 -4.94 -2.26 -14.01
C HIS A 157 -5.36 -1.73 -12.65
N ILE A 158 -6.61 -1.99 -12.29
CA ILE A 158 -7.18 -1.60 -11.02
C ILE A 158 -7.68 -2.84 -10.29
N TRP A 159 -7.23 -3.01 -9.05
CA TRP A 159 -7.70 -4.01 -8.11
C TRP A 159 -8.55 -3.30 -7.09
N GLU A 160 -9.70 -3.87 -6.73
CA GLU A 160 -10.55 -3.22 -5.74
C GLU A 160 -11.25 -4.26 -4.89
N SER A 161 -11.43 -3.93 -3.61
CA SER A 161 -11.98 -4.90 -2.67
C SER A 161 -12.54 -4.22 -1.43
N ASP A 162 -13.66 -4.76 -0.92
CA ASP A 162 -14.18 -4.43 0.41
C ASP A 162 -13.83 -5.50 1.44
N SER A 163 -12.90 -6.39 1.12
CA SER A 163 -12.45 -7.56 1.85
C SER A 163 -13.38 -8.77 1.68
N ASN A 164 -14.57 -8.62 1.12
CA ASN A 164 -15.48 -9.75 0.97
C ASN A 164 -15.33 -10.46 -0.38
N GLU A 165 -14.45 -9.93 -1.23
CA GLU A 165 -14.20 -10.37 -2.59
C GLU A 165 -13.25 -9.32 -3.17
N PHE A 166 -12.71 -9.56 -4.35
CA PHE A 166 -11.97 -8.52 -5.05
C PHE A 166 -12.20 -8.70 -6.52
N SER A 167 -11.97 -7.62 -7.28
CA SER A 167 -12.06 -7.66 -8.73
C SER A 167 -10.88 -6.91 -9.32
N VAL A 168 -10.52 -7.28 -10.54
CA VAL A 168 -9.43 -6.64 -11.28
C VAL A 168 -9.93 -6.30 -12.66
N ILE A 169 -9.65 -5.08 -13.11
CA ILE A 169 -10.08 -4.61 -14.41
C ILE A 169 -8.93 -3.84 -15.03
N ALA A 170 -8.83 -3.92 -16.36
CA ALA A 170 -7.97 -2.99 -17.08
C ALA A 170 -8.40 -1.58 -16.74
N ASP A 171 -7.42 -0.71 -16.54
CA ASP A 171 -7.70 0.69 -16.27
C ASP A 171 -8.14 1.38 -17.55
N PRO A 172 -9.39 1.87 -17.65
CA PRO A 172 -9.79 2.57 -18.88
C PRO A 172 -9.07 3.88 -19.07
N ARG A 173 -8.50 4.46 -18.01
CA ARG A 173 -7.71 5.67 -18.13
C ARG A 173 -6.33 5.43 -18.83
N GLY A 174 -6.01 4.24 -19.35
CA GLY A 174 -4.70 3.91 -19.86
C GLY A 174 -3.58 4.04 -18.82
N ASN A 175 -2.36 4.20 -19.34
CA ASN A 175 -1.14 4.23 -18.53
C ASN A 175 -0.90 5.65 -18.04
N THR A 176 -1.46 5.96 -16.87
CA THR A 176 -1.30 7.26 -16.23
C THR A 176 -0.25 7.26 -15.14
N LEU A 177 0.08 6.10 -14.59
CA LEU A 177 1.13 6.06 -13.58
C LEU A 177 2.52 6.11 -14.20
N GLY A 178 2.68 5.61 -15.42
CA GLY A 178 3.99 5.51 -16.04
C GLY A 178 4.64 4.23 -15.57
N ARG A 179 4.89 4.13 -14.26
CA ARG A 179 5.32 2.92 -13.58
C ARG A 179 5.02 3.08 -12.09
N GLY A 180 4.54 2.01 -11.46
CA GLY A 180 4.34 2.07 -10.02
C GLY A 180 2.93 1.78 -9.57
N THR A 181 2.57 2.26 -8.38
CA THR A 181 1.36 1.77 -7.72
C THR A 181 0.75 2.85 -6.84
N THR A 182 -0.56 2.99 -6.94
CA THR A 182 -1.32 3.84 -6.02
C THR A 182 -2.24 2.95 -5.21
N ILE A 183 -2.10 3.02 -3.89
CA ILE A 183 -3.08 2.47 -2.96
C ILE A 183 -4.04 3.59 -2.60
N THR A 184 -5.33 3.38 -2.86
CA THR A 184 -6.36 4.37 -2.57
C THR A 184 -7.27 3.81 -1.50
N LEU A 185 -7.35 4.50 -0.36
CA LEU A 185 -8.20 4.08 0.74
C LEU A 185 -9.45 4.95 0.81
N VAL A 186 -10.62 4.31 0.69
CA VAL A 186 -11.91 4.93 0.97
C VAL A 186 -12.13 4.84 2.48
N LEU A 187 -11.85 5.93 3.20
CA LEU A 187 -11.74 5.83 4.65
C LEU A 187 -13.10 5.60 5.32
N LYS A 188 -13.10 4.79 6.39
CA LYS A 188 -14.27 4.67 7.23
C LYS A 188 -14.63 6.01 7.85
N GLU A 189 -15.90 6.12 8.25
CA GLU A 189 -16.36 7.32 8.95
C GLU A 189 -15.51 7.62 10.18
N GLU A 190 -15.18 6.61 10.97
CA GLU A 190 -14.37 6.79 12.17
C GLU A 190 -12.92 7.11 11.87
N ALA A 191 -12.50 7.17 10.61
CA ALA A 191 -11.09 7.35 10.28
C ALA A 191 -10.85 8.66 9.53
N SER A 192 -11.79 9.61 9.59
CA SER A 192 -11.66 10.85 8.84
C SER A 192 -10.43 11.64 9.27
N ASP A 193 -9.91 11.38 10.47
CA ASP A 193 -8.71 12.08 10.91
C ASP A 193 -7.52 11.80 10.00
N TYR A 194 -7.54 10.68 9.28
CA TYR A 194 -6.46 10.42 8.35
C TYR A 194 -6.56 11.23 7.08
N LEU A 195 -7.55 12.11 6.97
CA LEU A 195 -7.60 13.09 5.89
C LEU A 195 -6.97 14.42 6.28
N GLU A 196 -6.63 14.63 7.55
CA GLU A 196 -6.05 15.88 8.00
C GLU A 196 -4.54 15.90 7.71
N LEU A 197 -4.07 16.98 7.09
CA LEU A 197 -2.67 17.08 6.69
C LEU A 197 -1.73 16.93 7.89
N ASP A 198 -2.05 17.60 9.01
CA ASP A 198 -1.15 17.52 10.16
C ASP A 198 -1.04 16.09 10.67
N THR A 199 -2.18 15.40 10.81
CA THR A 199 -2.15 13.98 11.17
C THR A 199 -1.25 13.20 10.23
N ILE A 200 -1.50 13.33 8.92
CA ILE A 200 -0.79 12.50 7.95
C ILE A 200 0.70 12.82 7.93
N LYS A 201 1.05 14.10 7.99
CA LYS A 201 2.47 14.47 7.95
C LYS A 201 3.24 13.90 9.14
N ASN A 202 2.68 13.98 10.35
CA ASN A 202 3.37 13.41 11.49
C ASN A 202 3.53 11.90 11.34
N LEU A 203 2.46 11.21 10.93
CA LEU A 203 2.55 9.78 10.72
C LEU A 203 3.56 9.43 9.64
N VAL A 204 3.53 10.17 8.53
CA VAL A 204 4.44 9.88 7.42
C VAL A 204 5.88 10.07 7.86
N LYS A 205 6.16 11.19 8.52
CA LYS A 205 7.47 11.41 9.11
C LYS A 205 7.82 10.27 10.04
N LYS A 206 6.91 9.94 10.97
CA LYS A 206 7.19 8.89 11.93
C LYS A 206 7.66 7.61 11.25
N TYR A 207 7.11 7.29 10.09
CA TYR A 207 7.28 5.97 9.50
C TYR A 207 8.22 5.95 8.30
N SER A 208 8.92 7.03 7.99
CA SER A 208 9.69 7.06 6.75
C SER A 208 11.16 7.43 6.93
N GLN A 209 11.66 7.43 8.17
CA GLN A 209 13.06 7.82 8.37
C GLN A 209 14.03 6.76 7.85
N PHE A 210 13.60 5.51 7.67
CA PHE A 210 14.48 4.45 7.19
C PHE A 210 14.35 4.19 5.70
N ILE A 211 13.51 4.94 5.00
CA ILE A 211 13.23 4.67 3.59
C ILE A 211 14.34 5.29 2.75
N ASN A 212 14.99 4.47 1.94
CA ASN A 212 16.06 4.96 1.05
C ASN A 212 15.49 5.64 -0.17
N PHE A 213 14.34 6.32 -0.03
CA PHE A 213 13.70 7.08 -1.09
C PHE A 213 12.98 8.28 -0.49
N PRO A 214 12.84 9.37 -1.23
CA PRO A 214 12.13 10.53 -0.67
C PRO A 214 10.63 10.30 -0.63
N ILE A 215 9.99 10.81 0.43
CA ILE A 215 8.54 10.66 0.61
C ILE A 215 7.92 12.04 0.76
N TYR A 216 6.90 12.31 -0.05
CA TYR A 216 6.22 13.60 -0.10
C TYR A 216 4.78 13.48 0.35
N VAL A 217 4.29 14.55 0.96
CA VAL A 217 2.89 14.73 1.28
C VAL A 217 2.42 16.01 0.58
N TRP A 218 1.32 15.90 -0.16
CA TRP A 218 0.70 17.07 -0.79
C TRP A 218 0.17 18.00 0.31
N SER A 219 0.76 19.19 0.45
CA SER A 219 0.50 20.06 1.58
C SER A 219 0.20 21.49 1.13
N SER A 220 -0.48 22.21 2.00
CA SER A 220 -0.92 23.58 1.75
C SER A 220 -0.20 24.54 2.70
N LYS A 221 0.17 25.72 2.18
CA LYS A 221 0.86 26.74 2.99
C LYS A 221 -0.15 27.74 3.55
N THR A 222 -0.73 28.57 2.68
CA THR A 222 -1.70 29.57 3.13
C THR A 222 -1.07 30.63 4.02
N GLU A 263 -6.64 35.84 1.42
CA GLU A 263 -6.33 34.43 1.74
C GLU A 263 -5.76 33.70 0.53
N LYS A 264 -4.45 33.46 0.55
CA LYS A 264 -3.75 32.83 -0.56
C LYS A 264 -3.23 31.47 -0.14
N THR A 265 -3.45 30.47 -0.99
CA THR A 265 -3.07 29.10 -0.69
C THR A 265 -2.14 28.56 -1.78
N VAL A 266 -1.02 27.99 -1.36
CA VAL A 266 -0.11 27.31 -2.27
C VAL A 266 0.03 25.86 -1.82
N TRP A 267 -0.25 24.94 -2.74
CA TRP A 267 -0.08 23.51 -2.53
C TRP A 267 1.14 23.02 -3.30
N ASP A 268 1.83 22.03 -2.72
CA ASP A 268 3.00 21.44 -3.36
C ASP A 268 3.40 20.22 -2.55
N TRP A 269 4.28 19.41 -3.15
CA TRP A 269 4.82 18.27 -2.45
C TRP A 269 5.80 18.76 -1.38
N GLU A 270 5.60 18.30 -0.14
CA GLU A 270 6.50 18.62 0.96
C GLU A 270 7.28 17.36 1.32
N LEU A 271 8.60 17.40 1.13
CA LEU A 271 9.45 16.29 1.52
C LEU A 271 9.32 16.00 3.01
N MET A 272 9.19 14.72 3.36
CA MET A 272 8.95 14.32 4.74
C MET A 272 10.15 13.64 5.42
N ASN A 273 11.19 13.29 4.67
CA ASN A 273 12.34 12.60 5.23
C ASN A 273 13.65 13.00 4.56
C5' PA7 B . 1.50 -8.20 -0.63
O5' PA7 B . 1.41 -7.15 0.01
N5' PA7 B . 0.83 -9.31 -0.29
C51 PA7 B . -0.03 -9.35 0.86
C52 PA7 B . 0.73 -10.08 1.98
C53 PA7 B . 1.81 -10.97 1.38
C4' PA7 B . 2.34 -8.31 -1.85
O4' PA7 B . 1.78 -7.50 -2.84
C3' PA7 B . 3.79 -7.91 -1.64
O3' PA7 B . 4.58 -9.00 -1.24
C2' PA7 B . 4.06 -7.36 -3.03
O2' PA7 B . 4.47 -8.49 -3.80
C1' PA7 B . 2.71 -6.76 -3.56
N9 PA7 B . 2.61 -5.33 -3.24
C8 PA7 B . 1.94 -4.65 -2.24
N7 PA7 B . 2.12 -3.35 -2.32
C5 PA7 B . 2.95 -3.20 -3.42
C6 PA7 B . 3.53 -2.08 -4.09
N6 PA7 B . 3.37 -0.83 -3.66
N1 PA7 B . 4.32 -2.32 -5.21
C2 PA7 B . 4.54 -3.57 -5.64
N3 PA7 B . 4.05 -4.70 -5.13
C4 PA7 B . 3.27 -4.41 -4.01
H5' PA7 B . 0.91 -10.01 -0.77
H511 PA7 B . -0.85 -9.82 0.65
H512 PA7 B . -0.24 -8.44 1.13
H521 PA7 B . 1.14 -9.43 2.56
H522 PA7 B . 0.10 -10.62 2.48
H531 PA7 B . 2.58 -10.44 1.13
H532 PA7 B . 1.46 -11.42 0.59
H533 PA7 B . 2.08 -11.64 2.03
H4' PA7 B . 2.35 -9.21 -2.21
H3' PA7 B . 3.89 -7.22 -0.97
H2 PA7 B . 4.90 -8.85 -0.46
H2' PA7 B . 4.71 -6.64 -2.96
H1 PA7 B . 5.32 -8.49 -3.87
H1' PA7 B . 2.66 -6.92 -4.51
H8 PA7 B . 1.41 -5.07 -1.59
HN61 PA7 B . 3.80 -0.18 -4.02
HN62 PA7 B . 2.82 -0.67 -3.01
H3 PA7 B . 5.09 -3.65 -6.40
O1 PG4 C . -4.26 7.97 -11.51
C1 PG4 C . -5.26 7.67 -10.57
C2 PG4 C . -4.91 6.47 -9.68
O2 PG4 C . -5.91 6.31 -8.69
C3 PG4 C . -6.92 5.39 -9.02
C4 PG4 C . -8.14 5.56 -8.12
O3 PG4 C . -9.26 5.41 -8.96
C5 PG4 C . -10.47 5.92 -8.46
C6 PG4 C . -11.14 6.86 -9.48
O4 PG4 C . -11.86 7.85 -8.79
O1 PG4 D . -1.55 10.07 -8.77
C1 PG4 D . -2.84 9.54 -8.61
C2 PG4 D . -3.56 10.16 -7.43
O2 PG4 D . -4.90 10.45 -7.79
C3 PG4 D . -5.47 11.52 -7.08
C4 PG4 D . -5.94 12.65 -8.00
O3 PG4 D . -6.05 13.84 -7.26
C5 PG4 D . -5.31 14.93 -7.76
C6 PG4 D . -5.05 15.95 -6.64
O4 PG4 D . -3.70 16.31 -6.59
C7 PG4 D . -3.14 16.62 -7.84
C8 PG4 D . -1.62 16.56 -7.74
O5 PG4 D . -1.27 16.94 -6.43
O1 PG4 E . -13.76 -15.83 11.60
C1 PG4 E . -14.91 -15.23 12.15
C2 PG4 E . -15.47 -14.08 11.29
O2 PG4 E . -16.68 -14.47 10.67
C3 PG4 E . -17.32 -13.46 9.95
C4 PG4 E . -16.45 -13.02 8.79
O3 PG4 E . -16.98 -13.56 7.62
C5 PG4 E . -16.01 -13.97 6.71
C6 PG4 E . -15.80 -12.86 5.70
O4 PG4 E . -14.54 -13.05 5.12
#